data_3T3C
#
_entry.id   3T3C
#
_cell.length_a   57.689
_cell.length_b   57.689
_cell.length_c   129.692
_cell.angle_alpha   90.00
_cell.angle_beta   90.00
_cell.angle_gamma   90.00
#
_symmetry.space_group_name_H-M   'P 41 21 2'
#
loop_
_entity.id
_entity.type
_entity.pdbx_description
1 polymer 'HIV-1 protease'
2 non-polymer (3R,3AS,6AR)-HEXAHYDROFURO[2,3-B]FURAN-3-YL(1S,2R)-3-[[(4-AMINOPHENYL)SULFONYL](ISOBUTYL)AMINO]-1-BENZYL-2-HYDROXYPROPYLCARBAMATE
3 non-polymer BETA-MERCAPTOETHANOL
4 non-polymer 'SULFATE ION'
5 water water
#
_entity_poly.entity_id   1
_entity_poly.type   'polypeptide(L)'
_entity_poly.pdbx_seq_one_letter_code
;PQISLWQRPVVTARIGGQLIEVLLDTGADDTVIEDIDLPGKWSPKMIAGIGGFVKVRQYDQILIEFCGKKAIGSVLVGPT
PANVIGRNIMSQIGCTLNF
;
_entity_poly.pdbx_strand_id   A,B
#
loop_
_chem_comp.id
_chem_comp.type
_chem_comp.name
_chem_comp.formula
017 non-polymer (3R,3AS,6AR)-HEXAHYDROFURO[2,3-B]FURAN-3-YL(1S,2R)-3-[[(4-AMINOPHENYL)SULFONYL](ISOBUTYL)AMINO]-1-BENZYL-2-HYDROXYPROPYLCARBAMATE 'C27 H37 N3 O7 S'
BME non-polymer BETA-MERCAPTOETHANOL 'C2 H6 O S'
SO4 non-polymer 'SULFATE ION' 'O4 S -2'
#
# COMPACT_ATOMS: atom_id res chain seq x y z
N PRO A 1 3.24 17.28 -5.96
CA PRO A 1 2.98 16.39 -7.08
C PRO A 1 1.58 15.80 -7.04
N GLN A 2 1.07 15.46 -8.22
CA GLN A 2 -0.17 14.74 -8.34
C GLN A 2 0.15 13.44 -9.05
N ILE A 3 -0.03 12.34 -8.32
CA ILE A 3 0.38 11.02 -8.79
C ILE A 3 -0.86 10.16 -9.05
N SER A 4 -1.04 9.80 -10.32
CA SER A 4 -2.14 8.93 -10.70
C SER A 4 -1.87 7.47 -10.28
N LEU A 5 -2.92 6.65 -10.28
CA LEU A 5 -2.82 5.29 -9.79
C LEU A 5 -3.12 4.22 -10.85
N TRP A 6 -3.17 4.63 -12.14
CA TRP A 6 -3.32 3.69 -13.27
CA TRP A 6 -3.32 3.66 -13.22
C TRP A 6 -2.02 2.88 -13.46
N GLN A 7 -0.93 3.41 -12.90
CA GLN A 7 0.34 2.68 -12.78
CA GLN A 7 0.36 2.71 -12.80
C GLN A 7 0.83 2.78 -11.35
N ARG A 8 1.79 1.94 -10.97
CA ARG A 8 2.37 1.96 -9.62
CA ARG A 8 2.35 1.96 -9.62
C ARG A 8 2.91 3.35 -9.33
N PRO A 9 2.55 3.93 -8.15
CA PRO A 9 3.10 5.25 -7.80
C PRO A 9 4.58 5.19 -7.37
N VAL A 10 5.47 5.10 -8.35
CA VAL A 10 6.89 4.92 -8.08
C VAL A 10 7.61 6.26 -8.26
N VAL A 11 8.38 6.66 -7.26
CA VAL A 11 9.17 7.88 -7.34
C VAL A 11 10.63 7.60 -7.05
N THR A 12 11.49 8.56 -7.40
CA THR A 12 12.89 8.49 -7.03
C THR A 12 13.08 9.18 -5.68
N ALA A 13 13.56 8.41 -4.70
CA ALA A 13 13.86 8.94 -3.39
C ALA A 13 15.35 8.87 -3.08
N ARG A 14 15.79 9.82 -2.27
CA ARG A 14 17.11 9.76 -1.66
CA ARG A 14 17.12 9.79 -1.65
C ARG A 14 16.90 9.37 -0.20
N ILE A 15 17.46 8.23 0.19
CA ILE A 15 17.21 7.70 1.53
C ILE A 15 18.55 7.52 2.19
N GLY A 16 18.80 8.35 3.20
CA GLY A 16 20.11 8.40 3.85
C GLY A 16 21.22 8.59 2.81
N GLY A 17 21.01 9.50 1.85
CA GLY A 17 22.01 9.77 0.82
C GLY A 17 21.92 8.89 -0.42
N GLN A 18 21.13 7.82 -0.36
CA GLN A 18 21.08 6.86 -1.46
C GLN A 18 19.86 6.96 -2.36
N LEU A 19 20.10 7.12 -3.66
CA LEU A 19 19.03 7.25 -4.64
C LEU A 19 18.47 5.89 -5.01
N ILE A 20 17.15 5.79 -4.93
CA ILE A 20 16.44 4.54 -5.06
C ILE A 20 15.02 4.82 -5.52
N GLU A 21 14.52 4.00 -6.44
CA GLU A 21 13.11 4.03 -6.79
C GLU A 21 12.28 3.31 -5.72
N VAL A 22 11.20 3.95 -5.30
CA VAL A 22 10.38 3.42 -4.21
C VAL A 22 8.90 3.55 -4.59
N LEU A 23 8.10 2.63 -4.07
CA LEU A 23 6.65 2.67 -4.18
C LEU A 23 5.98 3.41 -3.01
N LEU A 24 5.20 4.43 -3.33
CA LEU A 24 4.39 5.12 -2.33
C LEU A 24 3.19 4.23 -1.97
N ASP A 25 3.22 3.70 -0.76
CA ASP A 25 2.37 2.60 -0.35
C ASP A 25 1.51 3.02 0.87
N THR A 26 0.30 3.51 0.61
CA THR A 26 -0.59 3.98 1.71
C THR A 26 -1.02 2.87 2.67
N GLY A 27 -0.90 1.60 2.26
CA GLY A 27 -1.25 0.45 3.11
C GLY A 27 -0.13 -0.05 4.01
N ALA A 28 1.05 0.56 3.89
CA ALA A 28 2.19 0.27 4.78
C ALA A 28 2.30 1.29 5.91
N ASP A 29 2.29 0.84 7.16
CA ASP A 29 2.56 1.74 8.29
C ASP A 29 4.00 2.23 8.24
N ASP A 30 4.87 1.37 7.68
CA ASP A 30 6.31 1.49 7.81
C ASP A 30 6.97 1.57 6.44
N THR A 31 8.19 2.09 6.43
CA THR A 31 8.99 2.15 5.23
C THR A 31 9.93 0.94 5.26
N VAL A 32 9.81 0.09 4.25
CA VAL A 32 10.58 -1.14 4.16
C VAL A 32 11.34 -1.18 2.83
N ILE A 33 12.67 -1.28 2.91
CA ILE A 33 13.51 -1.24 1.73
C ILE A 33 14.40 -2.47 1.72
N GLU A 34 14.42 -3.22 0.63
CA GLU A 34 15.36 -4.33 0.48
C GLU A 34 16.69 -3.84 -0.10
N ASP A 35 16.59 -2.99 -1.11
CA ASP A 35 17.75 -2.62 -1.93
C ASP A 35 18.50 -1.40 -1.42
N ILE A 36 19.05 -1.52 -0.20
CA ILE A 36 19.80 -0.42 0.42
C ILE A 36 20.82 -0.91 1.46
N ASP A 37 21.97 -0.21 1.53
CA ASP A 37 22.95 -0.30 2.62
C ASP A 37 22.97 1.01 3.39
N LEU A 38 22.65 0.93 4.67
CA LEU A 38 22.63 2.10 5.54
C LEU A 38 23.73 1.98 6.61
N PRO A 39 24.43 3.09 6.91
CA PRO A 39 25.49 2.99 7.92
C PRO A 39 24.98 3.04 9.37
N GLY A 40 25.84 2.70 10.32
CA GLY A 40 25.53 2.85 11.75
C GLY A 40 24.78 1.70 12.39
N LYS A 41 24.38 1.92 13.63
CA LYS A 41 23.71 0.89 14.42
C LYS A 41 22.26 0.70 13.97
N TRP A 42 21.72 -0.48 14.29
CA TRP A 42 20.35 -0.78 13.99
C TRP A 42 19.75 -1.68 15.08
N SER A 43 18.42 -1.80 15.07
CA SER A 43 17.68 -2.63 15.99
C SER A 43 17.05 -3.79 15.25
N PRO A 44 17.34 -5.03 15.70
CA PRO A 44 16.69 -6.21 15.17
C PRO A 44 15.19 -6.16 15.47
N LYS A 45 14.38 -6.49 14.48
CA LYS A 45 12.93 -6.39 14.60
C LYS A 45 12.28 -7.39 13.64
N MET A 46 11.04 -7.75 13.93
CA MET A 46 10.26 -8.56 12.99
CA MET A 46 10.23 -8.59 13.04
C MET A 46 8.94 -7.85 12.71
N ILE A 47 8.59 -7.80 11.42
CA ILE A 47 7.35 -7.18 10.97
C ILE A 47 6.51 -8.16 10.16
N ALA A 48 5.20 -8.07 10.28
CA ALA A 48 4.32 -8.96 9.51
C ALA A 48 3.74 -8.25 8.27
N GLY A 49 3.90 -8.89 7.12
CA GLY A 49 3.23 -8.46 5.90
C GLY A 49 2.14 -9.45 5.57
N ILE A 50 1.72 -9.46 4.32
CA ILE A 50 0.65 -10.37 3.87
C ILE A 50 0.94 -11.87 4.12
N GLY A 51 2.22 -12.26 4.11
CA GLY A 51 2.58 -13.70 4.27
C GLY A 51 3.15 -14.05 5.64
N GLY A 52 3.09 -13.09 6.57
CA GLY A 52 3.56 -13.31 7.93
C GLY A 52 4.86 -12.54 8.19
N PHE A 53 5.59 -12.97 9.22
CA PHE A 53 6.71 -12.22 9.76
C PHE A 53 7.96 -12.33 8.90
N VAL A 54 8.72 -11.23 8.84
CA VAL A 54 10.08 -11.23 8.29
C VAL A 54 11.02 -10.48 9.24
N LYS A 55 12.28 -10.87 9.27
CA LYS A 55 13.29 -10.17 10.06
CA LYS A 55 13.29 -10.17 10.06
C LYS A 55 13.77 -8.95 9.28
N VAL A 56 13.85 -7.81 9.97
CA VAL A 56 14.35 -6.57 9.38
C VAL A 56 15.36 -5.94 10.32
N ARG A 57 16.15 -4.99 9.81
CA ARG A 57 16.97 -4.12 10.64
C ARG A 57 16.30 -2.74 10.67
N GLN A 58 15.97 -2.26 11.86
CA GLN A 58 15.41 -0.91 11.96
C GLN A 58 16.53 0.12 12.14
N TYR A 59 16.60 1.04 11.18
CA TYR A 59 17.49 2.21 11.24
C TYR A 59 16.64 3.40 11.55
N ASP A 60 17.05 4.17 12.55
CA ASP A 60 16.32 5.38 12.95
C ASP A 60 16.99 6.65 12.43
N GLN A 61 16.22 7.73 12.43
CA GLN A 61 16.73 9.06 12.08
C GLN A 61 17.35 9.10 10.68
N ILE A 62 16.68 8.47 9.71
CA ILE A 62 17.12 8.50 8.32
C ILE A 62 16.41 9.64 7.59
N LEU A 63 17.19 10.46 6.88
CA LEU A 63 16.62 11.52 6.04
C LEU A 63 16.13 10.94 4.71
N ILE A 64 14.87 11.19 4.41
CA ILE A 64 14.24 10.71 3.19
C ILE A 64 13.75 11.89 2.34
N GLU A 65 14.18 11.93 1.07
CA GLU A 65 13.85 13.06 0.19
C GLU A 65 13.25 12.54 -1.10
N PHE A 66 12.11 13.12 -1.49
CA PHE A 66 11.52 12.86 -2.82
C PHE A 66 10.54 13.93 -3.28
N CYS A 67 10.64 14.26 -4.57
CA CYS A 67 9.75 15.22 -5.23
C CYS A 67 9.67 16.55 -4.48
N GLY A 68 10.84 17.11 -4.19
CA GLY A 68 10.93 18.40 -3.50
C GLY A 68 10.38 18.42 -2.08
N LYS A 69 10.36 17.25 -1.43
CA LYS A 69 9.93 17.11 -0.04
C LYS A 69 10.96 16.31 0.76
N LYS A 70 11.01 16.58 2.07
CA LYS A 70 11.97 15.96 3.00
C LYS A 70 11.28 15.55 4.31
N ALA A 71 11.68 14.40 4.86
CA ALA A 71 11.26 13.99 6.21
C ALA A 71 12.29 13.07 6.84
N ILE A 72 12.35 13.07 8.16
CA ILE A 72 13.24 12.16 8.90
C ILE A 72 12.40 11.04 9.52
N GLY A 73 12.87 9.80 9.40
CA GLY A 73 12.17 8.67 10.01
C GLY A 73 12.95 7.37 10.05
N SER A 74 12.28 6.33 10.51
CA SER A 74 12.84 4.98 10.58
C SER A 74 12.69 4.25 9.27
N VAL A 75 13.73 3.50 8.90
CA VAL A 75 13.69 2.61 7.73
C VAL A 75 13.89 1.16 8.16
N LEU A 76 13.02 0.27 7.71
CA LEU A 76 13.21 -1.16 7.98
C LEU A 76 13.90 -1.79 6.80
N VAL A 77 15.10 -2.35 7.05
CA VAL A 77 15.82 -3.01 5.97
C VAL A 77 15.64 -4.53 6.07
N GLY A 78 15.18 -5.13 4.98
CA GLY A 78 14.85 -6.54 4.98
C GLY A 78 14.14 -6.96 3.72
N PRO A 79 13.76 -8.26 3.63
CA PRO A 79 13.17 -8.76 2.39
C PRO A 79 11.74 -8.25 2.13
N THR A 80 11.56 -7.66 0.95
CA THR A 80 10.26 -7.20 0.48
C THR A 80 10.27 -7.25 -1.06
N PRO A 81 9.14 -7.61 -1.70
CA PRO A 81 9.10 -7.62 -3.17
C PRO A 81 9.07 -6.22 -3.82
N ALA A 82 8.84 -5.18 -3.01
CA ALA A 82 8.95 -3.79 -3.49
C ALA A 82 9.46 -2.92 -2.37
N ASN A 83 10.31 -1.97 -2.72
CA ASN A 83 10.82 -1.00 -1.78
C ASN A 83 9.73 0.06 -1.56
N VAL A 84 9.20 0.14 -0.35
CA VAL A 84 8.00 0.95 -0.12
C VAL A 84 8.25 2.06 0.88
N ILE A 85 7.67 3.22 0.60
CA ILE A 85 7.53 4.28 1.59
C ILE A 85 6.17 4.12 2.22
N GLY A 86 6.15 4.07 3.55
CA GLY A 86 4.93 3.90 4.29
C GLY A 86 4.49 5.22 4.90
N ARG A 87 3.44 5.16 5.73
CA ARG A 87 2.82 6.37 6.28
C ARG A 87 3.72 7.08 7.27
N ASN A 88 4.66 6.35 7.88
CA ASN A 88 5.60 6.95 8.82
C ASN A 88 6.30 8.17 8.19
N ILE A 89 6.55 8.07 6.88
CA ILE A 89 7.17 9.15 6.12
C ILE A 89 6.11 10.02 5.41
N MET A 90 5.13 9.39 4.76
CA MET A 90 4.12 10.13 3.98
C MET A 90 3.26 11.07 4.83
N SER A 91 2.97 10.69 6.06
CA SER A 91 2.16 11.57 6.93
C SER A 91 2.92 12.82 7.32
N GLN A 92 4.25 12.78 7.28
CA GLN A 92 5.10 13.91 7.66
C GLN A 92 5.23 14.96 6.56
N ILE A 93 4.99 14.54 5.31
CA ILE A 93 5.14 15.43 4.17
C ILE A 93 3.81 15.80 3.52
N GLY A 94 2.73 15.64 4.29
CA GLY A 94 1.39 16.11 3.90
C GLY A 94 0.76 15.40 2.71
N CYS A 95 1.05 14.11 2.59
CA CYS A 95 0.47 13.26 1.54
CA CYS A 95 0.48 13.28 1.54
C CYS A 95 -1.02 13.01 1.76
N THR A 96 -1.81 13.19 0.71
CA THR A 96 -3.24 12.90 0.77
C THR A 96 -3.67 12.05 -0.41
N LEU A 97 -4.68 11.21 -0.14
CA LEU A 97 -5.48 10.56 -1.18
C LEU A 97 -6.68 11.42 -1.56
N ASN A 98 -6.86 11.65 -2.86
CA ASN A 98 -7.93 12.52 -3.35
C ASN A 98 -8.79 11.87 -4.41
N PHE A 99 -10.11 11.98 -4.27
CA PHE A 99 -11.06 11.50 -5.28
C PHE A 99 -12.45 12.13 -5.08
N PRO B 1 -13.23 12.84 -1.54
CA PRO B 1 -12.66 13.42 -0.32
C PRO B 1 -11.15 13.59 -0.41
N GLN B 2 -10.57 14.19 0.63
CA GLN B 2 -9.14 14.41 0.74
C GLN B 2 -8.68 13.78 2.06
N ILE B 3 -8.02 12.62 1.95
CA ILE B 3 -7.74 11.80 3.13
C ILE B 3 -6.23 11.82 3.41
N SER B 4 -5.87 12.30 4.60
CA SER B 4 -4.45 12.28 4.98
C SER B 4 -4.08 10.97 5.65
N LEU B 5 -2.81 10.81 6.01
CA LEU B 5 -2.28 9.48 6.31
C LEU B 5 -1.67 9.36 7.72
N TRP B 6 -2.13 10.22 8.62
CA TRP B 6 -1.71 10.13 10.03
CA TRP B 6 -1.81 10.17 10.05
C TRP B 6 -2.20 8.84 10.67
N GLN B 7 -3.34 8.33 10.20
CA GLN B 7 -3.86 7.01 10.57
C GLN B 7 -4.04 6.20 9.29
N ARG B 8 -4.31 4.90 9.43
CA ARG B 8 -4.58 4.02 8.28
C ARG B 8 -5.81 4.51 7.51
N PRO B 9 -5.69 4.65 6.17
CA PRO B 9 -6.85 5.12 5.38
C PRO B 9 -7.95 4.05 5.21
N VAL B 10 -8.66 3.79 6.31
CA VAL B 10 -9.70 2.77 6.32
C VAL B 10 -11.09 3.40 6.09
N VAL B 11 -11.89 2.75 5.26
CA VAL B 11 -13.26 3.20 4.97
C VAL B 11 -14.20 2.00 4.95
N THR B 12 -15.50 2.28 5.00
CA THR B 12 -16.50 1.24 4.89
C THR B 12 -16.89 1.14 3.44
N ALA B 13 -16.69 -0.05 2.86
CA ALA B 13 -17.07 -0.31 1.50
C ALA B 13 -18.23 -1.30 1.45
N ARG B 14 -19.04 -1.18 0.42
CA ARG B 14 -19.96 -2.23 0.10
C ARG B 14 -19.45 -2.92 -1.14
N ILE B 15 -19.16 -4.20 -1.00
CA ILE B 15 -18.65 -5.03 -2.09
C ILE B 15 -19.59 -6.19 -2.29
N GLY B 16 -20.15 -6.31 -3.49
CA GLY B 16 -21.11 -7.36 -3.80
C GLY B 16 -22.34 -7.31 -2.89
N GLY B 17 -22.57 -6.15 -2.27
CA GLY B 17 -23.70 -5.95 -1.36
C GLY B 17 -23.36 -6.06 0.12
N GLN B 18 -22.13 -6.42 0.43
CA GLN B 18 -21.70 -6.66 1.82
C GLN B 18 -20.83 -5.53 2.36
N LEU B 19 -21.04 -5.16 3.62
CA LEU B 19 -20.25 -4.10 4.25
C LEU B 19 -18.94 -4.67 4.78
N ILE B 20 -17.84 -4.08 4.34
CA ILE B 20 -16.50 -4.56 4.69
C ILE B 20 -15.61 -3.35 4.99
N GLU B 21 -14.82 -3.46 6.04
CA GLU B 21 -13.81 -2.44 6.34
C GLU B 21 -12.58 -2.66 5.47
N VAL B 22 -12.21 -1.63 4.72
CA VAL B 22 -11.15 -1.72 3.70
C VAL B 22 -10.09 -0.62 3.80
N LEU B 23 -8.85 -0.99 3.49
CA LEU B 23 -7.74 -0.05 3.45
C LEU B 23 -7.58 0.45 2.02
N LEU B 24 -7.57 1.76 1.86
CA LEU B 24 -7.27 2.34 0.55
C LEU B 24 -5.76 2.25 0.36
N ASP B 25 -5.34 1.36 -0.51
CA ASP B 25 -3.96 0.93 -0.51
C ASP B 25 -3.27 1.11 -1.86
N THR B 26 -2.47 2.17 -2.00
CA THR B 26 -1.77 2.45 -3.25
C THR B 26 -0.65 1.46 -3.55
N GLY B 27 -0.24 0.70 -2.53
CA GLY B 27 0.76 -0.35 -2.73
C GLY B 27 0.17 -1.64 -3.26
N ALA B 28 -1.15 -1.74 -3.28
CA ALA B 28 -1.83 -2.96 -3.76
C ALA B 28 -2.27 -2.76 -5.20
N ASP B 29 -1.79 -3.61 -6.09
CA ASP B 29 -2.16 -3.52 -7.50
C ASP B 29 -3.66 -3.80 -7.65
N ASP B 30 -4.14 -4.76 -6.87
CA ASP B 30 -5.52 -5.24 -6.95
C ASP B 30 -6.16 -5.35 -5.58
N THR B 31 -7.48 -5.20 -5.58
CA THR B 31 -8.33 -5.31 -4.41
C THR B 31 -8.36 -6.75 -3.91
N VAL B 32 -8.04 -6.94 -2.62
CA VAL B 32 -8.05 -8.25 -1.95
C VAL B 32 -8.87 -8.18 -0.65
N ILE B 33 -9.82 -9.10 -0.49
CA ILE B 33 -10.71 -9.13 0.67
C ILE B 33 -10.67 -10.53 1.28
N GLU B 34 -10.77 -10.60 2.61
CA GLU B 34 -10.84 -11.88 3.32
C GLU B 34 -12.29 -12.33 3.60
N ASP B 35 -13.04 -11.47 4.29
CA ASP B 35 -14.34 -11.85 4.85
C ASP B 35 -15.52 -11.48 3.95
N ILE B 36 -15.73 -12.29 2.92
CA ILE B 36 -16.78 -12.06 1.95
C ILE B 36 -17.06 -13.35 1.20
N ASP B 37 -18.32 -13.57 0.84
CA ASP B 37 -18.72 -14.64 -0.06
C ASP B 37 -19.31 -14.02 -1.30
N LEU B 38 -18.67 -14.29 -2.44
CA LEU B 38 -19.19 -13.85 -3.73
C LEU B 38 -19.64 -15.07 -4.54
N PRO B 39 -20.75 -14.94 -5.30
CA PRO B 39 -21.22 -16.12 -6.02
C PRO B 39 -20.60 -16.33 -7.40
N GLY B 40 -20.64 -17.58 -7.87
CA GLY B 40 -20.33 -17.89 -9.27
C GLY B 40 -18.94 -18.44 -9.49
N LYS B 41 -18.52 -18.40 -10.76
CA LYS B 41 -17.21 -18.86 -11.14
C LYS B 41 -16.13 -17.87 -10.71
N TRP B 42 -14.94 -18.40 -10.46
CA TRP B 42 -13.78 -17.63 -10.11
C TRP B 42 -12.58 -18.29 -10.77
N SER B 43 -11.49 -17.52 -10.89
CA SER B 43 -10.23 -18.03 -11.40
C SER B 43 -9.17 -18.06 -10.29
N PRO B 44 -8.31 -19.10 -10.29
CA PRO B 44 -7.28 -19.17 -9.26
C PRO B 44 -6.11 -18.23 -9.54
N LYS B 45 -5.87 -17.28 -8.62
CA LYS B 45 -4.73 -16.37 -8.74
C LYS B 45 -3.87 -16.43 -7.48
N MET B 46 -2.72 -15.77 -7.52
CA MET B 46 -1.83 -15.65 -6.37
C MET B 46 -1.34 -14.21 -6.26
N ILE B 47 -1.10 -13.74 -5.04
CA ILE B 47 -0.50 -12.42 -4.82
C ILE B 47 0.74 -12.55 -3.94
N ALA B 48 1.65 -11.58 -4.05
CA ALA B 48 2.92 -11.65 -3.34
C ALA B 48 3.11 -10.41 -2.50
N GLY B 49 3.59 -10.59 -1.27
CA GLY B 49 3.84 -9.45 -0.40
C GLY B 49 5.03 -9.68 0.52
N ILE B 50 5.12 -8.86 1.56
CA ILE B 50 6.14 -9.06 2.58
C ILE B 50 5.80 -10.36 3.33
N GLY B 51 6.78 -11.26 3.43
CA GLY B 51 6.57 -12.52 4.13
C GLY B 51 6.18 -13.68 3.24
N GLY B 52 5.71 -13.40 2.03
CA GLY B 52 5.36 -14.48 1.12
C GLY B 52 4.11 -14.25 0.29
N PHE B 53 3.44 -15.35 -0.04
CA PHE B 53 2.35 -15.38 -1.03
C PHE B 53 1.03 -15.76 -0.39
N VAL B 54 -0.06 -15.34 -1.03
CA VAL B 54 -1.41 -15.72 -0.63
C VAL B 54 -2.14 -16.24 -1.87
N LYS B 55 -2.74 -17.42 -1.76
CA LYS B 55 -3.57 -17.93 -2.85
C LYS B 55 -4.94 -17.27 -2.76
N VAL B 56 -5.44 -16.80 -3.90
CA VAL B 56 -6.71 -16.06 -3.94
C VAL B 56 -7.62 -16.54 -5.07
N ARG B 57 -8.92 -16.31 -4.90
CA ARG B 57 -9.90 -16.55 -5.96
C ARG B 57 -10.23 -15.21 -6.57
N GLN B 58 -10.21 -15.13 -7.89
CA GLN B 58 -10.49 -13.89 -8.60
C GLN B 58 -11.94 -13.89 -9.09
N TYR B 59 -12.75 -13.01 -8.53
CA TYR B 59 -14.13 -12.80 -8.97
C TYR B 59 -14.20 -11.52 -9.81
N ASP B 60 -14.81 -11.63 -10.98
CA ASP B 60 -14.85 -10.52 -11.94
C ASP B 60 -16.19 -9.77 -11.92
N GLN B 61 -16.15 -8.52 -12.38
CA GLN B 61 -17.33 -7.64 -12.49
C GLN B 61 -18.15 -7.48 -11.20
N ILE B 62 -17.49 -7.17 -10.10
CA ILE B 62 -18.16 -6.93 -8.82
C ILE B 62 -18.40 -5.43 -8.60
N LEU B 63 -19.57 -5.10 -8.06
CA LEU B 63 -19.89 -3.74 -7.70
C LEU B 63 -19.23 -3.33 -6.38
N ILE B 64 -18.40 -2.29 -6.44
CA ILE B 64 -17.71 -1.77 -5.25
C ILE B 64 -18.13 -0.31 -5.00
N GLU B 65 -18.58 -0.04 -3.78
CA GLU B 65 -19.05 1.28 -3.37
C GLU B 65 -18.40 1.72 -2.08
N PHE B 66 -17.92 2.97 -2.05
CA PHE B 66 -17.41 3.59 -0.83
C PHE B 66 -17.34 5.09 -1.03
N CYS B 67 -17.61 5.84 0.05
CA CYS B 67 -17.44 7.29 0.06
C CYS B 67 -18.13 7.98 -1.11
N GLY B 68 -19.36 7.54 -1.40
CA GLY B 68 -20.16 8.11 -2.49
C GLY B 68 -19.74 7.73 -3.90
N LYS B 69 -18.68 6.93 -4.04
CA LYS B 69 -18.19 6.51 -5.35
CA LYS B 69 -18.19 6.51 -5.35
C LYS B 69 -18.58 5.06 -5.65
N LYS B 70 -18.68 4.73 -6.94
CA LYS B 70 -19.08 3.39 -7.39
C LYS B 70 -18.19 2.93 -8.54
N ALA B 71 -17.75 1.68 -8.48
CA ALA B 71 -16.96 1.10 -9.55
C ALA B 71 -17.26 -0.39 -9.69
N ILE B 72 -17.00 -0.94 -10.87
CA ILE B 72 -17.11 -2.36 -11.10
C ILE B 72 -15.73 -2.88 -11.46
N GLY B 73 -15.29 -3.96 -10.82
CA GLY B 73 -14.01 -4.57 -11.17
C GLY B 73 -13.81 -5.90 -10.48
N SER B 74 -12.62 -6.48 -10.63
CA SER B 74 -12.32 -7.78 -10.02
C SER B 74 -11.94 -7.66 -8.53
N VAL B 75 -12.27 -8.70 -7.78
CA VAL B 75 -11.95 -8.79 -6.38
C VAL B 75 -11.26 -10.14 -6.17
N LEU B 76 -10.11 -10.10 -5.50
CA LEU B 76 -9.39 -11.31 -5.13
C LEU B 76 -9.80 -11.68 -3.70
N VAL B 77 -10.28 -12.89 -3.51
CA VAL B 77 -10.77 -13.32 -2.19
C VAL B 77 -9.84 -14.37 -1.58
N GLY B 78 -9.34 -14.11 -0.37
CA GLY B 78 -8.44 -15.06 0.27
C GLY B 78 -7.96 -14.65 1.64
N PRO B 79 -7.09 -15.49 2.25
CA PRO B 79 -6.69 -15.30 3.64
C PRO B 79 -5.69 -14.16 3.84
N THR B 80 -6.04 -12.97 3.39
CA THR B 80 -5.20 -11.82 3.65
C THR B 80 -5.49 -11.23 5.03
N PRO B 81 -4.43 -10.86 5.78
CA PRO B 81 -4.60 -10.17 7.07
C PRO B 81 -5.16 -8.74 6.97
N ALA B 82 -5.18 -8.18 5.76
CA ALA B 82 -5.77 -6.87 5.54
C ALA B 82 -6.67 -6.82 4.30
N ASN B 83 -7.86 -6.28 4.47
CA ASN B 83 -8.74 -6.01 3.36
C ASN B 83 -8.32 -4.70 2.71
N VAL B 84 -7.95 -4.79 1.44
CA VAL B 84 -7.45 -3.64 0.69
C VAL B 84 -8.25 -3.40 -0.60
N ILE B 85 -8.61 -2.14 -0.84
CA ILE B 85 -8.97 -1.66 -2.17
C ILE B 85 -7.65 -1.23 -2.85
N GLY B 86 -7.33 -1.83 -3.99
CA GLY B 86 -6.09 -1.54 -4.67
C GLY B 86 -6.30 -0.62 -5.83
N ARG B 87 -5.24 -0.41 -6.60
CA ARG B 87 -5.24 0.49 -7.74
C ARG B 87 -6.21 0.09 -8.86
N ASN B 88 -6.51 -1.20 -9.03
CA ASN B 88 -7.54 -1.61 -10.02
C ASN B 88 -8.86 -0.87 -9.84
N ILE B 89 -9.24 -0.59 -8.58
CA ILE B 89 -10.47 0.13 -8.31
C ILE B 89 -10.23 1.63 -8.14
N MET B 90 -9.18 2.00 -7.39
CA MET B 90 -8.89 3.42 -7.16
C MET B 90 -8.60 4.22 -8.46
N SER B 91 -7.85 3.64 -9.39
CA SER B 91 -7.66 4.28 -10.71
C SER B 91 -9.02 4.56 -11.42
N GLN B 92 -9.97 3.64 -11.30
CA GLN B 92 -11.25 3.77 -11.99
C GLN B 92 -12.06 4.96 -11.49
N ILE B 93 -11.88 5.32 -10.22
CA ILE B 93 -12.67 6.42 -9.63
C ILE B 93 -11.90 7.74 -9.60
N GLY B 94 -10.73 7.75 -10.22
CA GLY B 94 -9.94 8.95 -10.35
C GLY B 94 -9.18 9.33 -9.10
N CYS B 95 -8.85 8.34 -8.27
CA CYS B 95 -8.07 8.60 -7.07
CA CYS B 95 -8.04 8.55 -7.06
C CYS B 95 -6.61 8.94 -7.40
N THR B 96 -6.12 10.01 -6.78
CA THR B 96 -4.71 10.39 -6.95
C THR B 96 -4.01 10.46 -5.59
N LEU B 97 -2.68 10.37 -5.63
CA LEU B 97 -1.86 10.58 -4.45
C LEU B 97 -1.17 11.93 -4.57
N ASN B 98 -1.30 12.78 -3.54
CA ASN B 98 -0.87 14.18 -3.65
C ASN B 98 -0.07 14.72 -2.48
N PHE B 99 0.94 15.53 -2.79
CA PHE B 99 1.69 16.29 -1.78
C PHE B 99 2.33 17.56 -2.37
N1 017 C . -2.94 -7.24 -4.93
C2 017 C . -2.18 -7.12 -3.80
C3 017 C . -2.75 -6.63 -2.62
C4 017 C . -1.97 -6.49 -1.48
C5 017 C . -0.62 -6.84 -1.50
C6 017 C . -0.07 -7.35 -2.68
C7 017 C . -0.83 -7.47 -3.84
S8 017 C . 0.28 -6.67 -0.16
O9 017 C . -0.62 -6.67 0.95
O10 017 C . 1.28 -7.70 -0.09
N11 017 C . 1.11 -5.24 -0.20
C12 017 C . 2.03 -5.12 -1.34
C13 017 C . 3.23 -4.21 -1.05
C14 017 C . 4.11 -4.76 0.07
C15 017 C . 4.05 -4.10 -2.33
C16 017 C . 0.28 -4.02 -0.02
C17 017 C . 0.79 -3.32 1.25
O18 017 C . 0.28 -1.99 1.30
C19 017 C . 0.53 -4.10 2.58
N20 017 C . 1.33 -3.44 3.63
C21 017 C . 2.45 -3.97 4.11
O22 017 C . 2.98 -5.03 3.78
O23 017 C . 3.09 -3.15 5.12
C24 017 C . 4.09 -3.70 5.97
C25 017 C . 5.06 -2.55 6.14
O26 017 C . 4.37 -1.68 7.01
C27 017 C . 3.66 -2.48 7.98
O28 017 C . 2.35 -1.97 8.19
C29 017 C . 1.34 -2.86 7.71
C30 017 C . 2.03 -4.19 7.45
C31 017 C . 3.52 -3.86 7.37
C32 017 C . -0.92 -4.13 3.10
C33 017 C . -1.36 -4.33 5.60
C34 017 C . -1.40 -5.05 6.81
C35 017 C . -1.04 -6.39 6.83
C36 017 C . -0.65 -7.02 5.64
C37 017 C . -0.61 -6.31 4.43
C38 017 C . -0.97 -4.95 4.40
C1 BME D . 6.11 12.94 -8.97
C2 BME D . 7.34 13.83 -9.15
O1 BME D . 6.34 11.68 -9.57
S2 BME D . 8.75 13.20 -8.21
S SO4 E . 9.89 -0.88 -6.44
O1 SO4 E . 8.88 -1.79 -7.01
O2 SO4 E . 10.80 -1.62 -5.57
O3 SO4 E . 10.60 -0.23 -7.54
O4 SO4 E . 9.18 0.14 -5.67
C1 BME F . -13.94 10.12 4.10
C2 BME F . -15.01 9.70 3.11
O1 BME F . -13.13 9.00 4.42
S2 BME F . -15.55 7.99 3.32
S SO4 G . -8.50 -3.43 7.46
O1 SO4 G . -8.39 -4.86 7.12
O2 SO4 G . -7.16 -2.83 7.45
O3 SO4 G . -9.37 -2.77 6.51
O4 SO4 G . -9.11 -3.26 8.78
#